data_3ZM6
#
_entry.id   3ZM6
#
_cell.length_a   116.156
_cell.length_b   116.156
_cell.length_c   160.294
_cell.angle_alpha   90.00
_cell.angle_beta   90.00
_cell.angle_gamma   120.00
#
_symmetry.space_group_name_H-M   'P 61 2 2'
#
loop_
_entity.id
_entity.type
_entity.pdbx_description
1 polymer 'UDP-N-ACETYLMURAMOYL-TRIPEPTIDE--D-ALANYL-D-ALANINE LIGASE'
2 non-polymer N-(6-(4-(2h-tetrazol-5-yl)benzyl)-3-cyano-4,5,6,7-tetrahydrothieno[2,3-c]pyridin-2-yl)-2,4-dichloro-5-(morpholinosulfonyl)benzamide
3 water water
#
_entity_poly.entity_id   1
_entity_poly.type   'polypeptide(L)'
_entity_poly.pdbx_seq_one_letter_code
;MKLTIHEIAQVVGAKNDISIFEDTQLEKAEFDSRLIGTGDLFVPLKGARDGHDFIETAFENGAAVTLSEKEVSNHPYILV
DDVLTAFQSLASYYLEKTTVDVFAVTGSNGKTTTKDMLAHLLSTRYKTYKTQGNYNNEIGLPYTVLHMPEGTEKLVLEMG
QDHLGDIHLLSELARPKTAIVTLVGEAHLAFFKDRSEIAKGKMQIADGMASGSLLLAPADPIVEDYLPIDKKVVRFGQGA
ELEITDLVERKDSLTFKANFLEQALDLPVTGKYNATNAMIASYVALQEGVSEEQIRLAFQHLELTRNRTEWKKAANGADI
LSDVYNANPTAMKLILETFSAIPANEGGKKIAVLADMKELGDQSVQLHNQMILSLSPDVLDIVIFYGEDIAQLAQLASQM
FPIGHVYYFKKTEDQDQFEDLVKQVKESLGAHDQILLKGSNSMNLAKLVESLENEDKRSHHHHHH
;
_entity_poly.pdbx_strand_id   A
#
# COMPACT_ATOMS: atom_id res chain seq x y z
N MET A 1 -6.33 -19.05 -8.66
CA MET A 1 -6.43 -19.33 -7.21
C MET A 1 -6.93 -20.76 -7.05
N LYS A 2 -5.99 -21.69 -6.91
CA LYS A 2 -6.32 -23.08 -6.86
C LYS A 2 -6.79 -23.41 -5.43
N LEU A 3 -8.08 -23.26 -5.19
CA LEU A 3 -8.67 -23.50 -3.87
C LEU A 3 -10.15 -23.93 -3.96
N THR A 4 -10.55 -24.87 -3.10
CA THR A 4 -11.93 -25.29 -3.01
C THR A 4 -12.46 -24.96 -1.62
N ILE A 5 -13.79 -24.99 -1.48
CA ILE A 5 -14.44 -24.64 -0.20
C ILE A 5 -13.92 -25.48 0.99
N HIS A 6 -13.98 -26.79 0.87
CA HIS A 6 -13.59 -27.69 1.97
C HIS A 6 -12.15 -27.46 2.29
N GLU A 7 -11.35 -27.17 1.26
CA GLU A 7 -9.89 -26.97 1.45
C GLU A 7 -9.63 -25.74 2.33
N ILE A 8 -10.30 -24.64 2.02
CA ILE A 8 -10.17 -23.44 2.85
C ILE A 8 -10.61 -23.71 4.29
N ALA A 9 -11.72 -24.44 4.43
CA ALA A 9 -12.30 -24.67 5.74
C ALA A 9 -11.31 -25.45 6.62
N GLN A 10 -10.75 -26.52 6.02
CA GLN A 10 -9.65 -27.30 6.59
C GLN A 10 -8.58 -26.36 7.09
N VAL A 11 -8.06 -25.59 6.13
CA VAL A 11 -6.92 -24.70 6.37
C VAL A 11 -7.20 -23.67 7.47
N VAL A 12 -8.40 -23.10 7.49
CA VAL A 12 -8.67 -21.99 8.42
C VAL A 12 -9.34 -22.45 9.75
N GLY A 13 -9.53 -23.76 9.91
CA GLY A 13 -10.09 -24.35 11.13
C GLY A 13 -11.57 -24.04 11.27
N ALA A 14 -12.31 -24.21 10.17
CA ALA A 14 -13.74 -23.91 10.16
C ALA A 14 -14.41 -24.49 11.41
N LYS A 15 -15.31 -23.73 12.04
CA LYS A 15 -15.98 -24.16 13.30
C LYS A 15 -17.36 -24.72 13.03
N ASN A 16 -17.85 -24.49 11.81
CA ASN A 16 -19.08 -25.09 11.32
C ASN A 16 -18.78 -26.39 10.56
N ASP A 17 -19.81 -27.17 10.30
CA ASP A 17 -19.71 -28.42 9.53
C ASP A 17 -19.75 -28.08 8.03
N ILE A 18 -18.59 -28.09 7.40
CA ILE A 18 -18.52 -27.68 6.01
C ILE A 18 -19.09 -28.70 5.02
N SER A 19 -19.24 -29.94 5.47
CA SER A 19 -19.69 -30.98 4.55
C SER A 19 -21.13 -30.75 4.10
N ILE A 20 -21.85 -29.89 4.83
CA ILE A 20 -23.18 -29.39 4.41
C ILE A 20 -23.12 -28.79 3.00
N PHE A 21 -21.98 -28.20 2.64
CA PHE A 21 -21.84 -27.47 1.38
C PHE A 21 -20.98 -28.21 0.36
N GLU A 22 -21.25 -27.97 -0.93
CA GLU A 22 -20.45 -28.55 -2.01
C GLU A 22 -19.02 -28.03 -1.97
N ASP A 23 -18.07 -28.86 -2.39
CA ASP A 23 -16.66 -28.52 -2.35
C ASP A 23 -16.20 -27.79 -3.63
N THR A 24 -16.82 -26.64 -3.88
CA THR A 24 -16.63 -25.92 -5.13
C THR A 24 -15.23 -25.31 -5.24
N GLN A 25 -14.65 -25.47 -6.43
CA GLN A 25 -13.41 -24.82 -6.81
C GLN A 25 -13.72 -23.33 -6.94
N LEU A 26 -12.95 -22.52 -6.24
CA LEU A 26 -13.22 -21.08 -6.12
C LEU A 26 -12.51 -20.28 -7.18
N GLU A 27 -12.99 -19.06 -7.39
CA GLU A 27 -12.51 -18.23 -8.49
C GLU A 27 -11.47 -17.21 -7.95
N LYS A 28 -11.91 -16.14 -7.29
CA LYS A 28 -10.97 -15.25 -6.64
C LYS A 28 -11.52 -14.83 -5.30
N ALA A 29 -10.67 -14.20 -4.49
CA ALA A 29 -11.10 -13.77 -3.17
C ALA A 29 -11.14 -12.24 -3.08
N GLU A 30 -12.20 -11.67 -2.50
CA GLU A 30 -12.36 -10.21 -2.49
C GLU A 30 -12.93 -9.75 -1.16
N PHE A 31 -12.45 -8.59 -0.65
CA PHE A 31 -13.05 -7.99 0.56
C PHE A 31 -13.96 -6.82 0.24
N ASP A 32 -13.92 -6.37 -1.01
CA ASP A 32 -14.71 -5.30 -1.61
C ASP A 32 -15.79 -5.98 -2.46
N SER A 33 -17.05 -5.89 -2.03
CA SER A 33 -18.07 -6.68 -2.69
C SER A 33 -18.27 -6.24 -4.15
N ARG A 34 -17.89 -5.02 -4.49
CA ARG A 34 -18.02 -4.58 -5.88
C ARG A 34 -17.20 -5.45 -6.81
N LEU A 35 -16.19 -6.12 -6.26
CA LEU A 35 -15.26 -6.93 -7.08
C LEU A 35 -15.65 -8.41 -7.14
N ILE A 36 -16.60 -8.81 -6.31
CA ILE A 36 -17.08 -10.19 -6.36
C ILE A 36 -17.69 -10.53 -7.70
N GLY A 37 -17.32 -11.69 -8.22
CA GLY A 37 -17.90 -12.27 -9.43
C GLY A 37 -18.36 -13.69 -9.09
N THR A 38 -19.06 -14.34 -10.01
CA THR A 38 -19.46 -15.77 -9.85
C THR A 38 -18.33 -16.68 -9.35
N GLY A 39 -18.62 -17.51 -8.35
CA GLY A 39 -17.61 -18.44 -7.82
C GLY A 39 -16.57 -17.87 -6.86
N ASP A 40 -16.72 -16.61 -6.44
CA ASP A 40 -15.75 -16.01 -5.53
C ASP A 40 -15.87 -16.37 -4.04
N LEU A 41 -14.75 -16.17 -3.35
CA LEU A 41 -14.68 -16.14 -1.90
C LEU A 41 -14.81 -14.69 -1.45
N PHE A 42 -15.82 -14.42 -0.63
CA PHE A 42 -15.93 -13.13 0.05
C PHE A 42 -15.21 -13.16 1.38
N VAL A 43 -14.51 -12.08 1.66
CA VAL A 43 -13.69 -11.95 2.84
C VAL A 43 -14.11 -10.66 3.57
N PRO A 44 -15.04 -10.80 4.54
CA PRO A 44 -15.55 -9.62 5.18
C PRO A 44 -14.61 -9.12 6.27
N LEU A 45 -14.02 -7.93 6.08
CA LEU A 45 -13.01 -7.42 6.98
C LEU A 45 -13.52 -6.20 7.76
N LYS A 46 -12.80 -5.79 8.79
CA LYS A 46 -13.21 -4.58 9.53
C LYS A 46 -12.74 -3.36 8.74
N GLY A 47 -13.59 -2.82 7.87
CA GLY A 47 -13.19 -1.64 7.07
C GLY A 47 -13.85 -0.40 7.66
N ALA A 48 -14.20 0.58 6.81
CA ALA A 48 -15.03 1.69 7.31
C ALA A 48 -16.36 1.16 7.90
N ARG A 49 -16.95 0.16 7.25
CA ARG A 49 -17.95 -0.70 7.87
C ARG A 49 -17.39 -2.11 7.96
N ASP A 50 -17.88 -2.88 8.91
CA ASP A 50 -17.56 -4.30 8.96
C ASP A 50 -18.07 -4.99 7.70
N GLY A 51 -17.20 -5.71 6.96
CA GLY A 51 -17.63 -6.37 5.72
C GLY A 51 -18.80 -7.37 5.90
N HIS A 52 -19.05 -7.78 7.14
CA HIS A 52 -20.19 -8.65 7.41
C HIS A 52 -21.47 -7.97 6.94
N ASP A 53 -21.51 -6.63 6.95
CA ASP A 53 -22.71 -5.95 6.46
C ASP A 53 -22.94 -6.20 4.97
N PHE A 54 -21.92 -6.66 4.24
CA PHE A 54 -22.03 -6.71 2.77
C PHE A 54 -22.05 -8.12 2.22
N ILE A 55 -22.23 -9.07 3.13
CA ILE A 55 -22.32 -10.47 2.74
C ILE A 55 -23.46 -10.77 1.75
N GLU A 56 -24.65 -10.25 1.99
CA GLU A 56 -25.74 -10.46 1.06
C GLU A 56 -25.42 -9.87 -0.33
N THR A 57 -24.88 -8.66 -0.36
CA THR A 57 -24.45 -8.06 -1.63
C THR A 57 -23.41 -8.94 -2.36
N ALA A 58 -22.50 -9.52 -1.60
CA ALA A 58 -21.47 -10.40 -2.16
C ALA A 58 -22.12 -11.57 -2.88
N PHE A 59 -23.08 -12.21 -2.22
CA PHE A 59 -23.80 -13.31 -2.85
C PHE A 59 -24.65 -12.86 -4.02
N GLU A 60 -25.33 -11.73 -3.88
CA GLU A 60 -26.06 -11.18 -5.05
C GLU A 60 -25.09 -11.05 -6.22
N ASN A 61 -23.84 -10.69 -5.95
CA ASN A 61 -22.83 -10.51 -7.00
C ASN A 61 -22.17 -11.79 -7.50
N GLY A 62 -22.53 -12.91 -6.89
CA GLY A 62 -22.13 -14.21 -7.44
C GLY A 62 -21.20 -14.99 -6.53
N ALA A 63 -20.85 -14.45 -5.35
CA ALA A 63 -20.00 -15.21 -4.43
C ALA A 63 -20.46 -16.65 -4.25
N ALA A 64 -19.51 -17.59 -4.18
CA ALA A 64 -19.83 -18.99 -3.91
C ALA A 64 -19.82 -19.27 -2.41
N VAL A 65 -19.04 -18.51 -1.68
CA VAL A 65 -18.89 -18.75 -0.24
C VAL A 65 -18.34 -17.53 0.43
N THR A 66 -18.53 -17.42 1.74
CA THR A 66 -17.93 -16.31 2.46
C THR A 66 -17.28 -16.82 3.73
N LEU A 67 -16.17 -16.21 4.10
CA LEU A 67 -15.67 -16.40 5.47
C LEU A 67 -16.65 -15.64 6.35
N SER A 68 -16.78 -16.01 7.62
CA SER A 68 -17.66 -15.29 8.50
C SER A 68 -17.34 -15.63 9.93
N GLU A 69 -17.65 -14.71 10.83
CA GLU A 69 -17.47 -14.96 12.24
C GLU A 69 -18.80 -15.32 12.86
N LYS A 70 -19.86 -15.35 12.05
CA LYS A 70 -21.19 -15.77 12.52
C LYS A 70 -21.89 -16.60 11.46
N GLU A 71 -22.82 -17.45 11.87
CA GLU A 71 -23.54 -18.27 10.92
C GLU A 71 -24.18 -17.37 9.86
N VAL A 72 -24.17 -17.83 8.61
CA VAL A 72 -24.85 -17.13 7.54
C VAL A 72 -26.00 -18.01 7.07
N SER A 73 -27.22 -17.49 7.14
CA SER A 73 -28.42 -18.25 6.77
C SER A 73 -28.47 -18.30 5.24
N ASN A 74 -28.85 -19.44 4.69
CA ASN A 74 -29.14 -19.56 3.26
C ASN A 74 -27.96 -19.41 2.29
N HIS A 75 -26.74 -19.37 2.80
CA HIS A 75 -25.49 -19.31 1.98
C HIS A 75 -24.38 -20.16 2.53
N PRO A 76 -23.54 -20.76 1.64
CA PRO A 76 -22.31 -21.43 2.15
C PRO A 76 -21.39 -20.45 2.86
N TYR A 77 -20.90 -20.83 4.03
CA TYR A 77 -20.06 -19.97 4.83
C TYR A 77 -19.00 -20.81 5.60
N ILE A 78 -17.88 -20.18 5.92
CA ILE A 78 -16.77 -20.83 6.60
C ILE A 78 -16.59 -20.08 7.91
N LEU A 79 -16.98 -20.70 9.02
CA LEU A 79 -17.08 -19.96 10.28
C LEU A 79 -15.73 -19.96 10.98
N VAL A 80 -15.20 -18.78 11.32
CA VAL A 80 -13.90 -18.65 11.97
C VAL A 80 -13.98 -17.66 13.15
N ASP A 81 -13.02 -17.70 14.08
CA ASP A 81 -12.93 -16.67 15.15
C ASP A 81 -12.67 -15.27 14.65
N ASP A 82 -11.87 -15.16 13.59
CA ASP A 82 -11.45 -13.86 13.09
C ASP A 82 -11.18 -13.97 11.59
N VAL A 83 -11.88 -13.17 10.80
CA VAL A 83 -11.76 -13.29 9.36
C VAL A 83 -10.36 -12.94 8.82
N LEU A 84 -9.78 -11.87 9.33
CA LEU A 84 -8.45 -11.45 8.85
C LEU A 84 -7.39 -12.50 9.20
N THR A 85 -7.47 -13.04 10.41
CA THR A 85 -6.52 -14.13 10.74
C THR A 85 -6.69 -15.30 9.78
N ALA A 86 -7.95 -15.66 9.52
CA ALA A 86 -8.26 -16.68 8.53
C ALA A 86 -7.66 -16.35 7.18
N PHE A 87 -7.92 -15.14 6.69
CA PHE A 87 -7.36 -14.63 5.42
C PHE A 87 -5.85 -14.80 5.38
N GLN A 88 -5.19 -14.44 6.48
CA GLN A 88 -3.75 -14.49 6.49
C GLN A 88 -3.28 -15.94 6.52
N SER A 89 -3.94 -16.77 7.34
CA SER A 89 -3.63 -18.23 7.35
C SER A 89 -3.75 -18.85 5.96
N LEU A 90 -4.77 -18.43 5.22
CA LEU A 90 -5.05 -18.91 3.86
C LEU A 90 -3.97 -18.51 2.89
N ALA A 91 -3.52 -17.26 2.95
CA ALA A 91 -2.43 -16.80 2.10
C ALA A 91 -1.14 -17.58 2.42
N SER A 92 -0.86 -17.77 3.70
CA SER A 92 0.36 -18.48 4.05
C SER A 92 0.32 -19.93 3.50
N TYR A 93 -0.85 -20.53 3.64
CA TYR A 93 -1.08 -21.87 3.07
C TYR A 93 -0.90 -21.88 1.57
N TYR A 94 -1.46 -20.88 0.90
CA TYR A 94 -1.37 -20.84 -0.53
C TYR A 94 0.08 -20.73 -0.98
N LEU A 95 0.88 -19.99 -0.21
CA LEU A 95 2.32 -19.95 -0.48
C LEU A 95 3.01 -21.31 -0.33
N GLU A 96 2.63 -22.07 0.71
CA GLU A 96 3.14 -23.44 0.92
C GLU A 96 2.71 -24.36 -0.21
N LYS A 97 1.45 -24.24 -0.65
CA LYS A 97 0.94 -25.06 -1.70
C LYS A 97 1.66 -24.78 -3.01
N THR A 98 1.82 -23.50 -3.36
CA THR A 98 2.31 -23.23 -4.69
C THR A 98 3.83 -23.34 -4.68
N THR A 99 4.44 -23.21 -3.49
CA THR A 99 5.89 -23.12 -3.34
C THR A 99 6.54 -22.02 -4.21
N VAL A 100 5.80 -20.95 -4.50
CA VAL A 100 6.35 -19.86 -5.32
C VAL A 100 7.57 -19.24 -4.60
N ASP A 101 8.61 -18.84 -5.34
CA ASP A 101 9.70 -18.07 -4.72
C ASP A 101 9.16 -16.72 -4.31
N VAL A 102 9.36 -16.34 -3.05
CA VAL A 102 8.94 -15.03 -2.59
C VAL A 102 10.10 -14.05 -2.38
N PHE A 103 9.96 -12.85 -2.92
CA PHE A 103 10.95 -11.76 -2.72
C PHE A 103 10.30 -10.67 -1.92
N ALA A 104 10.77 -10.42 -0.70
CA ALA A 104 10.14 -9.39 0.14
C ALA A 104 10.96 -8.12 0.06
N VAL A 105 10.27 -7.01 -0.08
CA VAL A 105 10.91 -5.71 -0.24
CA VAL A 105 10.96 -5.73 -0.17
C VAL A 105 10.21 -4.73 0.71
N THR A 106 10.96 -3.88 1.41
CA THR A 106 10.30 -2.79 2.17
C THR A 106 10.01 -1.57 1.32
N GLY A 107 9.82 -0.43 1.99
CA GLY A 107 10.20 0.91 1.52
C GLY A 107 9.90 1.33 0.11
N SER A 108 8.89 2.18 -0.05
CA SER A 108 8.42 2.62 -1.37
C SER A 108 8.44 4.11 -1.38
N ASN A 109 9.38 4.68 -2.12
CA ASN A 109 9.66 6.09 -1.95
C ASN A 109 9.13 7.05 -3.02
N GLY A 110 9.01 6.57 -4.27
CA GLY A 110 8.67 7.48 -5.37
C GLY A 110 7.91 6.86 -6.54
N LYS A 111 8.36 7.17 -7.77
CA LYS A 111 7.70 6.68 -9.00
C LYS A 111 8.24 5.36 -9.59
N THR A 112 9.43 4.93 -9.14
CA THR A 112 9.96 3.58 -9.46
C THR A 112 10.59 2.79 -8.26
N THR A 113 9.73 2.12 -7.50
CA THR A 113 10.08 1.48 -6.26
C THR A 113 10.89 0.18 -6.51
N THR A 114 11.58 -0.28 -5.49
CA THR A 114 12.33 -1.50 -5.59
CA THR A 114 12.32 -1.51 -5.57
C THR A 114 11.43 -2.66 -5.95
N LYS A 115 10.22 -2.68 -5.36
CA LYS A 115 9.24 -3.73 -5.66
C LYS A 115 8.96 -3.72 -7.17
N ASP A 116 8.69 -2.56 -7.75
CA ASP A 116 8.37 -2.56 -9.20
C ASP A 116 9.59 -2.90 -10.05
N MET A 117 10.76 -2.36 -9.72
CA MET A 117 11.96 -2.66 -10.50
C MET A 117 12.30 -4.14 -10.48
N LEU A 118 12.32 -4.74 -9.28
CA LEU A 118 12.62 -6.16 -9.14
C LEU A 118 11.66 -7.07 -9.94
N ALA A 119 10.35 -6.84 -9.78
CA ALA A 119 9.39 -7.60 -10.54
C ALA A 119 9.65 -7.44 -12.03
N HIS A 120 9.95 -6.23 -12.48
CA HIS A 120 10.21 -5.98 -13.89
C HIS A 120 11.43 -6.76 -14.45
N LEU A 121 12.49 -6.88 -13.64
CA LEU A 121 13.68 -7.64 -14.04
C LEU A 121 13.42 -9.16 -14.06
N LEU A 122 12.74 -9.66 -13.03
CA LEU A 122 12.38 -11.08 -12.95
C LEU A 122 11.47 -11.52 -14.10
N SER A 123 10.53 -10.62 -14.48
CA SER A 123 9.68 -10.81 -15.69
C SER A 123 10.39 -11.11 -16.99
N THR A 124 11.66 -10.75 -17.12
CA THR A 124 12.37 -11.06 -18.39
C THR A 124 12.46 -12.56 -18.63
N ARG A 125 12.42 -13.35 -17.55
CA ARG A 125 12.71 -14.80 -17.62
C ARG A 125 11.59 -15.61 -17.06
N TYR A 126 10.82 -15.03 -16.15
CA TYR A 126 9.94 -15.77 -15.26
C TYR A 126 8.52 -15.21 -15.30
N LYS A 127 7.51 -16.05 -15.08
CA LYS A 127 6.13 -15.60 -14.83
C LYS A 127 6.19 -14.99 -13.49
N THR A 128 5.96 -13.68 -13.41
CA THR A 128 6.27 -12.93 -12.20
C THR A 128 5.05 -12.17 -11.80
N TYR A 129 4.77 -12.10 -10.51
CA TYR A 129 3.60 -11.34 -10.05
C TYR A 129 4.08 -10.49 -8.92
N LYS A 130 3.32 -9.45 -8.59
CA LYS A 130 3.82 -8.52 -7.55
C LYS A 130 2.65 -7.82 -6.83
N THR A 131 2.93 -7.29 -5.65
CA THR A 131 2.03 -6.40 -4.99
C THR A 131 1.60 -5.29 -5.95
N GLN A 132 0.29 -5.12 -6.06
CA GLN A 132 -0.29 -4.06 -6.89
C GLN A 132 -0.50 -2.77 -6.05
N GLY A 133 -0.14 -1.61 -6.59
CA GLY A 133 -0.27 -0.35 -5.84
C GLY A 133 0.33 -0.45 -4.46
N ASN A 134 -0.43 -0.08 -3.45
CA ASN A 134 0.08 -0.12 -2.09
C ASN A 134 -0.49 -1.23 -1.20
N TYR A 135 -0.75 -2.40 -1.77
CA TYR A 135 -1.31 -3.53 -1.06
C TYR A 135 -0.24 -4.26 -0.28
N ASN A 136 0.39 -3.55 0.65
CA ASN A 136 1.63 -4.01 1.26
C ASN A 136 1.47 -4.32 2.78
N ASN A 137 0.24 -4.37 3.27
CA ASN A 137 0.06 -4.49 4.73
C ASN A 137 -0.62 -5.79 5.11
N GLU A 138 -1.08 -5.90 6.35
CA GLU A 138 -1.62 -7.17 6.88
C GLU A 138 -2.84 -7.65 6.08
N ILE A 139 -3.46 -6.75 5.30
CA ILE A 139 -4.60 -7.07 4.44
C ILE A 139 -4.15 -7.13 2.96
N GLY A 140 -3.40 -6.11 2.51
CA GLY A 140 -2.98 -6.09 1.09
C GLY A 140 -2.07 -7.24 0.69
N LEU A 141 -1.17 -7.63 1.58
CA LEU A 141 -0.24 -8.73 1.24
C LEU A 141 -0.95 -10.10 1.11
N PRO A 142 -1.79 -10.50 2.08
CA PRO A 142 -2.51 -11.73 1.80
C PRO A 142 -3.36 -11.65 0.51
N TYR A 143 -3.93 -10.48 0.21
CA TYR A 143 -4.77 -10.35 -0.98
C TYR A 143 -3.88 -10.63 -2.19
N THR A 144 -2.73 -9.97 -2.19
CA THR A 144 -1.78 -10.12 -3.29
C THR A 144 -1.47 -11.61 -3.55
N VAL A 145 -1.15 -12.32 -2.50
CA VAL A 145 -0.78 -13.74 -2.64
C VAL A 145 -1.91 -14.53 -3.31
N LEU A 146 -3.13 -14.34 -2.81
CA LEU A 146 -4.27 -15.11 -3.32
C LEU A 146 -4.68 -14.72 -4.71
N HIS A 147 -4.20 -13.56 -5.15
CA HIS A 147 -4.40 -13.12 -6.53
C HIS A 147 -3.29 -13.48 -7.47
N MET A 148 -2.35 -14.25 -6.99
CA MET A 148 -1.24 -14.61 -7.86
C MET A 148 -1.73 -15.50 -9.01
N PRO A 149 -1.49 -15.10 -10.27
CA PRO A 149 -1.93 -15.90 -11.43
C PRO A 149 -1.35 -17.34 -11.35
N GLU A 150 -2.15 -18.36 -11.63
CA GLU A 150 -1.70 -19.75 -11.63
C GLU A 150 -0.45 -19.88 -12.51
N GLY A 151 0.53 -20.62 -12.04
CA GLY A 151 1.78 -20.79 -12.82
C GLY A 151 2.88 -19.78 -12.52
N THR A 152 2.59 -18.74 -11.73
CA THR A 152 3.62 -17.75 -11.36
C THR A 152 4.87 -18.42 -10.74
N GLU A 153 6.06 -18.03 -11.15
CA GLU A 153 7.31 -18.56 -10.63
C GLU A 153 7.96 -17.65 -9.61
N LYS A 154 7.78 -16.34 -9.74
CA LYS A 154 8.43 -15.44 -8.77
C LYS A 154 7.39 -14.46 -8.30
N LEU A 155 7.35 -14.20 -7.01
CA LEU A 155 6.33 -13.30 -6.45
C LEU A 155 7.04 -12.21 -5.67
N VAL A 156 6.85 -10.95 -6.03
CA VAL A 156 7.52 -9.87 -5.33
C VAL A 156 6.52 -9.17 -4.39
N LEU A 157 6.79 -9.25 -3.09
CA LEU A 157 5.83 -8.71 -2.09
C LEU A 157 6.45 -7.55 -1.39
N GLU A 158 5.85 -6.38 -1.55
CA GLU A 158 6.21 -5.26 -0.69
C GLU A 158 5.59 -5.41 0.68
N MET A 159 6.30 -4.99 1.69
CA MET A 159 5.84 -5.11 3.09
C MET A 159 6.09 -3.76 3.74
N GLY A 160 4.99 -3.13 4.12
CA GLY A 160 5.04 -1.85 4.79
C GLY A 160 4.76 -2.01 6.28
N GLN A 161 4.98 -0.95 7.05
CA GLN A 161 4.64 -1.01 8.47
C GLN A 161 4.00 0.27 8.90
N ASP A 162 3.06 0.18 9.84
CA ASP A 162 2.53 1.36 10.52
C ASP A 162 2.96 1.36 11.99
N HIS A 163 3.13 0.16 12.53
CA HIS A 163 3.55 -0.04 13.93
C HIS A 163 4.67 -1.03 13.94
N LEU A 164 5.60 -0.90 14.88
CA LEU A 164 6.63 -1.92 15.04
C LEU A 164 5.99 -3.31 15.10
N GLY A 165 6.52 -4.30 14.36
CA GLY A 165 6.02 -5.67 14.45
C GLY A 165 5.16 -6.06 13.26
N ASP A 166 4.67 -5.03 12.55
CA ASP A 166 3.90 -5.25 11.36
C ASP A 166 4.73 -6.06 10.36
N ILE A 167 5.99 -5.70 10.19
CA ILE A 167 6.79 -6.46 9.20
C ILE A 167 7.14 -7.87 9.66
N HIS A 168 7.32 -8.05 10.96
CA HIS A 168 7.55 -9.39 11.49
C HIS A 168 6.40 -10.26 11.07
N LEU A 169 5.19 -9.78 11.29
CA LEU A 169 4.02 -10.59 10.92
C LEU A 169 4.07 -10.97 9.45
N LEU A 170 4.31 -10.00 8.57
CA LEU A 170 4.29 -10.27 7.13
C LEU A 170 5.40 -11.22 6.70
N SER A 171 6.56 -11.09 7.32
CA SER A 171 7.67 -11.96 6.98
C SER A 171 7.38 -13.39 7.40
N GLU A 172 6.81 -13.55 8.57
CA GLU A 172 6.51 -14.89 9.11
C GLU A 172 5.40 -15.53 8.27
N LEU A 173 4.48 -14.69 7.82
CA LEU A 173 3.45 -15.13 6.88
C LEU A 173 4.03 -15.62 5.52
N ALA A 174 4.91 -14.82 4.91
CA ALA A 174 5.30 -15.04 3.50
C ALA A 174 6.54 -15.92 3.35
N ARG A 175 7.33 -15.99 4.43
CA ARG A 175 8.60 -16.73 4.46
CA ARG A 175 8.59 -16.74 4.44
C ARG A 175 9.48 -16.46 3.21
N PRO A 176 9.95 -15.21 3.04
CA PRO A 176 10.63 -14.84 1.80
C PRO A 176 11.88 -15.68 1.52
N LYS A 177 12.11 -15.97 0.24
CA LYS A 177 13.37 -16.60 -0.22
C LYS A 177 14.50 -15.55 -0.06
N THR A 178 14.15 -14.29 -0.33
CA THR A 178 15.12 -13.19 -0.48
C THR A 178 14.46 -11.89 -0.04
N ALA A 179 15.20 -11.00 0.61
CA ALA A 179 14.61 -9.68 0.97
C ALA A 179 15.52 -8.52 0.72
N ILE A 180 14.90 -7.33 0.54
CA ILE A 180 15.63 -6.06 0.37
C ILE A 180 15.03 -5.02 1.36
N VAL A 181 15.89 -4.34 2.10
CA VAL A 181 15.48 -3.29 2.99
C VAL A 181 16.04 -2.02 2.38
N THR A 182 15.19 -1.01 2.16
CA THR A 182 15.64 0.37 1.90
C THR A 182 15.12 1.36 2.96
N LEU A 183 15.90 2.39 3.29
CA LEU A 183 15.36 3.37 4.25
C LEU A 183 14.86 4.59 3.47
N VAL A 184 13.72 5.16 3.88
CA VAL A 184 13.14 6.34 3.17
C VAL A 184 13.36 7.70 3.89
N GLY A 185 12.33 8.52 4.01
CA GLY A 185 12.51 9.86 4.56
C GLY A 185 11.38 10.29 5.47
N GLU A 186 11.04 9.42 6.43
CA GLU A 186 9.98 9.62 7.46
C GLU A 186 9.18 10.95 7.46
N ALA A 187 9.91 12.08 7.45
CA ALA A 187 9.36 13.43 7.64
C ALA A 187 8.70 13.52 9.01
N HIS A 188 7.47 13.01 9.12
CA HIS A 188 7.00 12.60 10.44
C HIS A 188 6.37 11.25 10.47
N LEU A 189 6.55 10.61 11.61
CA LEU A 189 6.75 9.18 11.69
C LEU A 189 5.51 8.42 12.17
N ALA A 190 4.39 9.13 12.31
CA ALA A 190 3.13 8.56 12.83
C ALA A 190 3.35 7.73 14.12
N PHE A 191 3.19 6.40 14.05
CA PHE A 191 3.28 5.60 15.26
C PHE A 191 4.69 5.09 15.64
N PHE A 192 5.74 5.60 14.99
CA PHE A 192 7.13 5.22 15.34
C PHE A 192 7.89 6.26 16.18
N LYS A 193 8.62 5.78 17.20
CA LYS A 193 9.37 6.65 18.10
C LYS A 193 10.47 7.48 17.44
N ASP A 194 11.35 6.84 16.67
CA ASP A 194 12.50 7.51 16.02
C ASP A 194 13.00 6.70 14.82
N ARG A 195 14.06 7.16 14.16
CA ARG A 195 14.63 6.43 13.01
C ARG A 195 15.13 5.01 13.35
N SER A 196 15.65 4.80 14.56
CA SER A 196 16.05 3.48 15.02
C SER A 196 14.89 2.50 15.04
N GLU A 197 13.74 2.94 15.54
CA GLU A 197 12.60 2.06 15.59
C GLU A 197 12.07 1.78 14.19
N ILE A 198 12.21 2.75 13.29
CA ILE A 198 11.85 2.52 11.88
C ILE A 198 12.68 1.38 11.32
N ALA A 199 14.00 1.51 11.48
CA ALA A 199 14.99 0.55 10.99
C ALA A 199 14.78 -0.83 11.63
N LYS A 200 14.57 -0.86 12.94
CA LYS A 200 14.18 -2.06 13.67
C LYS A 200 13.02 -2.79 12.99
N GLY A 201 11.94 -2.04 12.73
CA GLY A 201 10.76 -2.60 12.05
C GLY A 201 11.06 -3.16 10.66
N LYS A 202 11.84 -2.42 9.87
CA LYS A 202 12.15 -2.87 8.51
C LYS A 202 13.00 -4.13 8.53
N MET A 203 13.89 -4.26 9.53
CA MET A 203 14.81 -5.40 9.58
C MET A 203 14.11 -6.68 10.08
N GLN A 204 12.88 -6.52 10.54
CA GLN A 204 12.05 -7.69 10.82
C GLN A 204 11.76 -8.47 9.55
N ILE A 205 12.08 -7.88 8.39
CA ILE A 205 11.74 -8.50 7.13
C ILE A 205 12.47 -9.83 7.00
N ALA A 206 13.57 -9.98 7.74
CA ALA A 206 14.37 -11.18 7.64
C ALA A 206 13.88 -12.23 8.65
N ASP A 207 12.99 -11.84 9.57
CA ASP A 207 12.50 -12.80 10.59
C ASP A 207 11.97 -14.14 10.04
N GLY A 208 11.23 -14.10 8.94
CA GLY A 208 10.63 -15.34 8.40
C GLY A 208 11.47 -16.09 7.36
N MET A 209 12.69 -15.63 7.18
CA MET A 209 13.56 -16.22 6.14
C MET A 209 14.40 -17.37 6.69
N ALA A 210 14.71 -18.34 5.84
CA ALA A 210 15.51 -19.51 6.22
C ALA A 210 16.97 -19.10 6.38
N SER A 211 17.71 -19.75 7.25
CA SER A 211 19.14 -19.48 7.34
C SER A 211 19.83 -19.51 5.98
N GLY A 212 20.81 -18.65 5.82
CA GLY A 212 21.63 -18.62 4.59
C GLY A 212 20.97 -17.88 3.42
N SER A 213 19.76 -17.38 3.61
CA SER A 213 19.02 -16.65 2.57
C SER A 213 19.55 -15.25 2.47
N LEU A 214 19.36 -14.64 1.32
CA LEU A 214 19.96 -13.36 1.03
C LEU A 214 19.09 -12.22 1.54
N LEU A 215 19.74 -11.29 2.23
CA LEU A 215 19.07 -10.05 2.64
C LEU A 215 19.96 -8.92 2.19
N LEU A 216 19.44 -8.01 1.37
CA LEU A 216 20.12 -6.76 1.11
C LEU A 216 19.68 -5.70 2.12
N ALA A 217 20.66 -5.02 2.69
CA ALA A 217 20.42 -4.01 3.70
C ALA A 217 21.36 -2.86 3.47
N PRO A 218 20.91 -1.62 3.76
CA PRO A 218 21.77 -0.47 3.45
C PRO A 218 22.99 -0.42 4.36
N ALA A 219 24.07 0.17 3.83
CA ALA A 219 25.32 0.35 4.57
C ALA A 219 25.14 1.21 5.81
N ASP A 220 24.17 2.12 5.75
CA ASP A 220 23.81 2.97 6.89
C ASP A 220 23.87 2.24 8.25
N PRO A 221 24.63 2.77 9.22
CA PRO A 221 24.74 2.06 10.52
C PRO A 221 23.46 1.94 11.38
N ILE A 222 22.42 2.68 11.04
CA ILE A 222 21.19 2.62 11.83
C ILE A 222 20.64 1.19 11.86
N VAL A 223 20.94 0.38 10.84
CA VAL A 223 20.42 -1.00 10.82
C VAL A 223 21.29 -2.02 11.60
N GLU A 224 22.47 -1.61 12.05
CA GLU A 224 23.43 -2.54 12.60
C GLU A 224 22.91 -3.40 13.72
N ASP A 225 22.37 -2.79 14.76
CA ASP A 225 21.87 -3.54 15.87
C ASP A 225 20.83 -4.57 15.50
N TYR A 226 20.30 -4.53 14.28
CA TYR A 226 19.11 -5.34 13.94
C TYR A 226 19.39 -6.34 12.85
N LEU A 227 20.65 -6.44 12.44
CA LEU A 227 21.03 -7.37 11.38
C LEU A 227 20.66 -8.77 11.82
N PRO A 228 20.21 -9.61 10.88
CA PRO A 228 20.02 -10.99 11.25
C PRO A 228 21.39 -11.62 11.47
N ILE A 229 21.43 -12.71 12.22
CA ILE A 229 22.66 -13.44 12.49
C ILE A 229 22.89 -14.59 11.50
N ASP A 230 21.82 -15.28 11.10
CA ASP A 230 22.00 -16.47 10.28
C ASP A 230 21.60 -16.33 8.82
N LYS A 231 21.62 -15.11 8.29
CA LYS A 231 21.33 -14.90 6.86
C LYS A 231 22.57 -14.42 6.15
N LYS A 232 22.57 -14.58 4.84
CA LYS A 232 23.60 -13.94 4.01
C LYS A 232 23.26 -12.47 3.74
N VAL A 233 23.98 -11.57 4.39
CA VAL A 233 23.68 -10.16 4.33
C VAL A 233 24.64 -9.46 3.39
N VAL A 234 24.08 -8.70 2.46
CA VAL A 234 24.89 -7.92 1.54
C VAL A 234 24.50 -6.45 1.70
N ARG A 235 25.47 -5.60 2.01
CA ARG A 235 25.25 -4.17 2.23
C ARG A 235 25.44 -3.34 0.95
N PHE A 236 24.71 -2.25 0.84
CA PHE A 236 24.81 -1.38 -0.35
C PHE A 236 24.87 0.08 0.10
N GLY A 237 25.66 0.88 -0.62
CA GLY A 237 25.86 2.26 -0.27
C GLY A 237 27.34 2.57 -0.47
N GLN A 238 27.69 3.86 -0.46
CA GLN A 238 29.06 4.31 -0.55
CA GLN A 238 29.08 4.28 -0.59
C GLN A 238 29.93 3.50 0.41
N GLY A 239 31.05 2.94 -0.08
CA GLY A 239 31.96 2.14 0.75
C GLY A 239 31.61 0.65 0.93
N ALA A 240 30.38 0.24 0.60
CA ALA A 240 29.93 -1.12 0.89
C ALA A 240 30.12 -2.10 -0.25
N GLU A 241 29.74 -3.34 0.00
CA GLU A 241 29.94 -4.39 -0.98
C GLU A 241 29.29 -4.07 -2.33
N LEU A 242 28.01 -3.68 -2.30
CA LEU A 242 27.42 -3.15 -3.52
C LEU A 242 27.48 -1.62 -3.52
N GLU A 243 28.00 -1.01 -4.58
CA GLU A 243 28.18 0.45 -4.59
C GLU A 243 28.07 1.08 -5.99
N ILE A 244 27.47 2.27 -6.05
CA ILE A 244 27.40 3.07 -7.27
C ILE A 244 28.71 3.83 -7.34
N THR A 245 29.47 3.63 -8.41
CA THR A 245 30.77 4.27 -8.54
C THR A 245 30.68 5.48 -9.47
N ASP A 246 29.55 5.60 -10.17
CA ASP A 246 29.38 6.74 -11.07
C ASP A 246 27.94 7.00 -11.41
N LEU A 247 27.59 8.26 -11.64
CA LEU A 247 26.19 8.67 -11.78
C LEU A 247 26.01 9.95 -12.54
N VAL A 248 25.23 9.90 -13.62
CA VAL A 248 24.84 11.07 -14.36
C VAL A 248 23.33 11.20 -14.35
N GLU A 249 22.83 12.29 -13.81
CA GLU A 249 21.39 12.54 -13.81
C GLU A 249 21.11 13.59 -14.85
N ARG A 250 20.30 13.24 -15.84
CA ARG A 250 20.01 14.17 -16.93
C ARG A 250 18.62 14.77 -16.76
N LYS A 251 18.31 15.71 -17.66
CA LYS A 251 16.94 16.11 -18.01
C LYS A 251 15.89 15.23 -17.29
N ASP A 252 15.55 14.09 -17.90
CA ASP A 252 14.47 13.29 -17.43
C ASP A 252 14.89 11.84 -17.12
N SER A 253 16.17 11.56 -17.31
CA SER A 253 16.72 10.21 -17.14
C SER A 253 17.98 10.23 -16.27
N LEU A 254 18.66 9.08 -16.21
CA LEU A 254 19.85 8.91 -15.38
C LEU A 254 20.69 7.73 -15.88
N THR A 255 22.01 7.87 -15.83
CA THR A 255 22.91 6.77 -16.14
C THR A 255 23.82 6.57 -14.93
N PHE A 256 24.08 5.29 -14.58
CA PHE A 256 24.90 4.99 -13.41
C PHE A 256 25.59 3.65 -13.61
N LYS A 257 26.67 3.46 -12.87
CA LYS A 257 27.49 2.27 -12.93
C LYS A 257 27.49 1.68 -11.51
N ALA A 258 27.23 0.38 -11.40
CA ALA A 258 27.37 -0.34 -10.13
C ALA A 258 28.66 -1.15 -10.15
N ASN A 259 29.34 -1.31 -9.00
CA ASN A 259 30.66 -1.94 -9.00
CA ASN A 259 30.66 -1.93 -9.03
C ASN A 259 30.61 -3.33 -9.61
N PHE A 260 29.61 -4.09 -9.21
CA PHE A 260 29.42 -5.47 -9.61
C PHE A 260 28.85 -5.64 -11.01
N LEU A 261 28.58 -4.58 -11.73
CA LEU A 261 28.07 -4.76 -13.07
C LEU A 261 29.16 -4.45 -14.10
N GLU A 262 29.10 -5.10 -15.26
CA GLU A 262 30.11 -4.86 -16.32
C GLU A 262 29.95 -3.51 -17.00
N GLN A 263 28.70 -3.06 -17.15
CA GLN A 263 28.39 -1.85 -17.91
CA GLN A 263 28.43 -1.83 -17.89
C GLN A 263 27.43 -0.92 -17.17
N ALA A 264 27.31 0.32 -17.64
CA ALA A 264 26.33 1.27 -17.11
C ALA A 264 24.90 0.80 -17.37
N LEU A 265 24.01 1.18 -16.47
CA LEU A 265 22.60 1.05 -16.71
C LEU A 265 22.03 2.43 -16.99
N ASP A 266 21.01 2.45 -17.85
CA ASP A 266 20.19 3.60 -18.18
C ASP A 266 18.80 3.45 -17.59
N LEU A 267 18.31 4.47 -16.91
CA LEU A 267 16.93 4.48 -16.40
C LEU A 267 16.18 5.71 -16.89
N PRO A 268 14.87 5.59 -17.16
CA PRO A 268 14.18 6.77 -17.65
C PRO A 268 13.56 7.54 -16.46
N VAL A 269 14.20 7.50 -15.30
CA VAL A 269 13.85 8.39 -14.19
C VAL A 269 15.02 9.23 -13.65
N THR A 270 14.66 10.12 -12.73
CA THR A 270 15.59 11.03 -12.10
C THR A 270 15.77 10.61 -10.64
N GLY A 271 16.91 10.93 -10.02
CA GLY A 271 17.08 10.75 -8.56
C GLY A 271 18.02 9.66 -8.09
N LYS A 272 18.96 10.03 -7.22
CA LYS A 272 19.81 9.11 -6.46
C LYS A 272 19.18 7.76 -6.03
N TYR A 273 18.00 7.85 -5.40
CA TYR A 273 17.29 6.71 -4.82
C TYR A 273 16.98 5.71 -5.88
N ASN A 274 16.64 6.21 -7.07
CA ASN A 274 16.31 5.28 -8.15
C ASN A 274 17.49 4.45 -8.65
N ALA A 275 18.64 5.09 -8.78
CA ALA A 275 19.83 4.34 -9.11
C ALA A 275 20.07 3.25 -8.04
N THR A 276 20.05 3.63 -6.77
CA THR A 276 20.14 2.64 -5.68
C THR A 276 19.12 1.52 -5.84
N ASN A 277 17.84 1.88 -6.09
CA ASN A 277 16.80 0.86 -6.21
C ASN A 277 17.13 -0.08 -7.36
N ALA A 278 17.56 0.49 -8.48
CA ALA A 278 17.92 -0.26 -9.70
C ALA A 278 19.04 -1.22 -9.36
N MET A 279 20.08 -0.70 -8.74
CA MET A 279 21.24 -1.49 -8.32
C MET A 279 20.86 -2.73 -7.49
N ILE A 280 20.12 -2.54 -6.39
CA ILE A 280 19.80 -3.66 -5.54
C ILE A 280 18.82 -4.65 -6.18
N ALA A 281 17.91 -4.14 -7.02
CA ALA A 281 16.98 -5.00 -7.76
C ALA A 281 17.84 -5.85 -8.73
N SER A 282 18.81 -5.20 -9.36
CA SER A 282 19.67 -5.86 -10.33
C SER A 282 20.45 -7.01 -9.66
N TYR A 283 21.05 -6.73 -8.51
CA TYR A 283 21.78 -7.76 -7.81
C TYR A 283 20.91 -9.01 -7.59
N VAL A 284 19.70 -8.81 -7.07
CA VAL A 284 18.85 -9.94 -6.79
C VAL A 284 18.52 -10.70 -8.09
N ALA A 285 18.17 -9.93 -9.13
CA ALA A 285 17.82 -10.48 -10.43
C ALA A 285 19.00 -11.36 -10.97
N LEU A 286 20.24 -10.88 -10.78
CA LEU A 286 21.42 -11.66 -11.14
C LEU A 286 21.45 -12.99 -10.40
N GLN A 287 21.08 -12.97 -9.12
CA GLN A 287 21.06 -14.18 -8.31
C GLN A 287 19.97 -15.13 -8.80
N GLU A 288 18.99 -14.62 -9.55
CA GLU A 288 17.93 -15.47 -10.08
C GLU A 288 18.15 -15.92 -11.51
N GLY A 289 19.38 -15.79 -12.01
CA GLY A 289 19.71 -16.27 -13.36
C GLY A 289 19.33 -15.28 -14.48
N VAL A 290 18.99 -14.04 -14.12
CA VAL A 290 18.75 -13.01 -15.15
C VAL A 290 20.10 -12.43 -15.51
N SER A 291 20.36 -12.24 -16.79
CA SER A 291 21.70 -11.80 -17.22
C SER A 291 21.78 -10.31 -17.09
N GLU A 292 22.99 -9.76 -17.00
CA GLU A 292 23.14 -8.32 -17.03
C GLU A 292 22.54 -7.70 -18.32
N GLU A 293 22.68 -8.37 -19.46
CA GLU A 293 22.15 -7.87 -20.72
CA GLU A 293 22.16 -7.82 -20.70
C GLU A 293 20.63 -7.79 -20.67
N GLN A 294 20.02 -8.79 -20.02
CA GLN A 294 18.56 -8.85 -19.85
C GLN A 294 18.11 -7.72 -18.97
N ILE A 295 18.92 -7.42 -17.98
CA ILE A 295 18.63 -6.35 -17.04
C ILE A 295 18.73 -4.99 -17.72
N ARG A 296 19.77 -4.78 -18.51
CA ARG A 296 19.99 -3.52 -19.24
C ARG A 296 18.85 -3.21 -20.21
N LEU A 297 18.50 -4.19 -21.05
CA LEU A 297 17.39 -4.02 -21.98
C LEU A 297 16.09 -3.78 -21.21
N ALA A 298 15.89 -4.55 -20.13
CA ALA A 298 14.66 -4.38 -19.33
C ALA A 298 14.47 -2.94 -18.84
N PHE A 299 15.54 -2.32 -18.31
CA PHE A 299 15.45 -0.97 -17.76
C PHE A 299 15.23 0.13 -18.80
N GLN A 300 15.56 -0.14 -20.07
CA GLN A 300 15.24 0.74 -21.17
C GLN A 300 13.75 0.99 -21.26
N HIS A 301 12.95 0.18 -20.58
CA HIS A 301 11.55 0.48 -20.58
C HIS A 301 10.90 0.17 -19.28
N LEU A 302 11.05 1.11 -18.37
CA LEU A 302 10.58 0.88 -17.04
C LEU A 302 9.33 1.69 -16.78
N GLU A 303 8.38 1.07 -16.10
CA GLU A 303 7.14 1.76 -15.72
C GLU A 303 7.33 2.76 -14.58
N LEU A 304 6.68 3.89 -14.71
CA LEU A 304 6.50 4.78 -13.59
C LEU A 304 5.08 4.49 -13.16
N THR A 305 4.95 4.26 -11.86
CA THR A 305 3.65 4.25 -11.20
C THR A 305 3.18 5.68 -10.78
N ARG A 306 1.97 5.76 -10.23
CA ARG A 306 1.64 6.93 -9.43
C ARG A 306 2.70 7.05 -8.33
N ASN A 307 3.02 8.29 -7.96
CA ASN A 307 3.95 8.60 -6.89
C ASN A 307 3.46 7.98 -5.59
N ARG A 308 4.18 6.98 -5.08
CA ARG A 308 3.66 6.22 -3.94
C ARG A 308 3.39 7.10 -2.71
N THR A 309 2.11 7.29 -2.44
CA THR A 309 1.55 8.44 -1.70
C THR A 309 2.16 8.76 -0.33
N GLU A 310 2.46 10.04 -0.15
CA GLU A 310 3.37 10.49 0.87
C GLU A 310 3.19 11.99 1.00
N TRP A 311 4.24 12.67 1.44
CA TRP A 311 4.18 14.10 1.61
C TRP A 311 4.86 14.87 0.52
N LYS A 312 4.26 16.00 0.16
CA LYS A 312 4.83 16.96 -0.76
C LYS A 312 4.92 18.29 0.01
N LYS A 313 5.35 19.37 -0.72
CA LYS A 313 5.27 20.72 -0.19
C LYS A 313 4.47 21.67 -1.11
N ALA A 314 3.64 22.55 -0.47
CA ALA A 314 3.08 23.69 -1.20
C ALA A 314 4.21 24.71 -1.35
N ALA A 315 4.06 25.62 -2.30
CA ALA A 315 5.12 26.63 -2.53
C ALA A 315 5.15 27.68 -1.40
N ASN A 316 4.26 27.55 -0.40
CA ASN A 316 4.26 28.43 0.74
C ASN A 316 4.88 27.72 1.94
N GLY A 317 5.30 26.49 1.75
CA GLY A 317 6.10 25.83 2.83
C GLY A 317 5.31 24.74 3.53
N ALA A 318 3.96 24.82 3.48
CA ALA A 318 3.08 23.81 4.11
C ALA A 318 3.34 22.40 3.62
N ASP A 319 3.01 21.42 4.47
CA ASP A 319 3.14 19.98 4.19
C ASP A 319 1.82 19.40 3.64
N ILE A 320 1.84 19.02 2.37
CA ILE A 320 0.69 18.37 1.72
C ILE A 320 0.76 16.84 1.80
N LEU A 321 -0.28 16.20 2.31
CA LEU A 321 -0.42 14.75 2.19
C LEU A 321 -1.60 14.45 1.26
N SER A 322 -1.29 14.11 0.02
CA SER A 322 -2.30 13.86 -0.99
C SER A 322 -2.45 12.35 -1.19
N ASP A 323 -3.59 11.76 -0.81
CA ASP A 323 -3.70 10.29 -0.85
C ASP A 323 -4.54 9.83 -2.02
N VAL A 324 -3.83 9.42 -3.08
CA VAL A 324 -4.44 9.14 -4.37
C VAL A 324 -4.82 7.66 -4.48
N TYR A 325 -4.02 6.79 -3.85
CA TYR A 325 -4.26 5.35 -3.87
C TYR A 325 -5.64 4.97 -3.19
N ASN A 326 -6.43 4.11 -3.85
CA ASN A 326 -7.56 3.46 -3.16
C ASN A 326 -8.70 4.41 -2.84
N ALA A 327 -9.58 4.61 -3.81
CA ALA A 327 -10.62 5.61 -3.61
C ALA A 327 -11.84 4.96 -2.92
N ASN A 328 -11.65 4.32 -1.76
CA ASN A 328 -12.75 3.61 -1.07
C ASN A 328 -12.88 4.09 0.36
N PRO A 329 -14.02 3.79 1.00
CA PRO A 329 -14.27 4.36 2.30
C PRO A 329 -13.30 3.95 3.40
N THR A 330 -12.83 2.71 3.35
CA THR A 330 -11.85 2.23 4.33
C THR A 330 -10.53 2.99 4.17
N ALA A 331 -10.06 3.14 2.93
CA ALA A 331 -8.86 3.95 2.68
C ALA A 331 -9.04 5.38 3.19
N MET A 332 -10.24 5.94 3.06
CA MET A 332 -10.50 7.27 3.60
C MET A 332 -10.40 7.30 5.13
N LYS A 333 -11.08 6.36 5.77
CA LYS A 333 -10.98 6.22 7.22
C LYS A 333 -9.53 6.10 7.62
N LEU A 334 -8.80 5.21 6.95
CA LEU A 334 -7.48 4.85 7.41
C LEU A 334 -6.51 6.02 7.30
N ILE A 335 -6.62 6.77 6.21
CA ILE A 335 -5.71 7.89 6.02
C ILE A 335 -6.08 9.01 6.99
N LEU A 336 -7.36 9.10 7.31
CA LEU A 336 -7.81 10.05 8.34
C LEU A 336 -7.12 9.70 9.63
N GLU A 337 -7.19 8.41 9.99
CA GLU A 337 -6.58 7.93 11.23
C GLU A 337 -5.07 8.17 11.27
N THR A 338 -4.37 7.78 10.20
CA THR A 338 -2.93 8.03 10.11
C THR A 338 -2.58 9.53 10.24
N PHE A 339 -3.24 10.34 9.40
CA PHE A 339 -2.97 11.76 9.36
C PHE A 339 -3.26 12.38 10.73
N SER A 340 -4.29 11.87 11.40
CA SER A 340 -4.72 12.43 12.69
C SER A 340 -3.74 12.11 13.79
N ALA A 341 -3.04 11.00 13.63
CA ALA A 341 -2.14 10.53 14.65
C ALA A 341 -0.78 11.21 14.53
N ILE A 342 -0.54 11.89 13.42
CA ILE A 342 0.65 12.73 13.31
C ILE A 342 0.42 14.01 14.14
N PRO A 343 1.37 14.37 15.03
CA PRO A 343 1.35 15.68 15.67
C PRO A 343 1.55 16.82 14.64
N ALA A 344 0.88 17.95 14.87
CA ALA A 344 1.04 19.16 14.04
C ALA A 344 2.44 19.72 14.22
N ASN A 345 3.00 20.33 13.16
CA ASN A 345 4.30 21.04 13.28
C ASN A 345 4.18 22.17 14.30
N GLU A 346 5.29 22.54 14.95
CA GLU A 346 5.26 23.73 15.82
C GLU A 346 4.80 24.91 14.99
N GLY A 347 3.83 25.66 15.51
CA GLY A 347 3.32 26.86 14.84
C GLY A 347 2.22 26.59 13.82
N GLY A 348 1.88 25.33 13.58
CA GLY A 348 0.91 25.00 12.53
C GLY A 348 -0.37 24.29 12.94
N LYS A 349 -1.29 24.22 11.97
CA LYS A 349 -2.60 23.58 12.11
C LYS A 349 -2.61 22.30 11.28
N LYS A 350 -3.71 21.57 11.40
CA LYS A 350 -4.01 20.43 10.56
C LYS A 350 -5.35 20.72 9.86
N ILE A 351 -5.32 20.71 8.52
CA ILE A 351 -6.49 20.90 7.67
C ILE A 351 -6.73 19.60 6.91
N ALA A 352 -7.98 19.14 6.79
CA ALA A 352 -8.30 18.01 5.88
C ALA A 352 -9.25 18.50 4.81
N VAL A 353 -8.96 18.14 3.56
CA VAL A 353 -9.89 18.37 2.45
C VAL A 353 -10.44 17.00 2.01
N LEU A 354 -11.75 16.84 2.06
CA LEU A 354 -12.35 15.55 1.70
C LEU A 354 -13.34 15.76 0.56
N ALA A 355 -13.27 14.94 -0.50
CA ALA A 355 -14.24 15.01 -1.61
C ALA A 355 -14.94 13.67 -1.83
N ASP A 356 -15.98 13.69 -2.66
CA ASP A 356 -16.83 12.57 -2.86
C ASP A 356 -16.00 11.35 -3.28
N MET A 357 -16.20 10.23 -2.63
CA MET A 357 -15.78 8.95 -3.23
C MET A 357 -16.76 8.55 -4.32
N LYS A 358 -16.31 7.87 -5.38
CA LYS A 358 -17.23 7.39 -6.42
C LYS A 358 -17.61 5.91 -6.35
N GLU A 359 -18.56 5.52 -7.18
CA GLU A 359 -19.00 4.13 -7.39
C GLU A 359 -19.35 3.40 -6.09
N LEU A 360 -20.07 4.09 -5.21
CA LEU A 360 -20.57 3.45 -4.00
C LEU A 360 -22.05 3.15 -4.17
N GLY A 361 -22.54 3.39 -5.39
CA GLY A 361 -23.91 3.07 -5.76
C GLY A 361 -24.92 3.72 -4.86
N ASP A 362 -25.91 2.93 -4.49
CA ASP A 362 -27.05 3.34 -3.66
CA ASP A 362 -27.03 3.37 -3.66
C ASP A 362 -26.61 3.70 -2.23
N GLN A 363 -25.47 3.17 -1.80
CA GLN A 363 -24.98 3.38 -0.44
C GLN A 363 -24.06 4.61 -0.25
N SER A 364 -23.87 5.43 -1.28
CA SER A 364 -22.84 6.45 -1.22
C SER A 364 -23.00 7.43 -0.04
N VAL A 365 -24.21 7.95 0.16
CA VAL A 365 -24.34 8.96 1.19
C VAL A 365 -24.01 8.39 2.58
N GLN A 366 -24.56 7.23 2.90
CA GLN A 366 -24.35 6.66 4.22
C GLN A 366 -22.86 6.34 4.47
N LEU A 367 -22.11 5.93 3.44
CA LEU A 367 -20.71 5.56 3.65
C LEU A 367 -19.86 6.79 3.86
N HIS A 368 -20.25 7.90 3.21
CA HIS A 368 -19.60 9.18 3.51
C HIS A 368 -19.88 9.57 4.92
N ASN A 369 -21.14 9.42 5.33
CA ASN A 369 -21.51 9.84 6.69
C ASN A 369 -20.73 9.05 7.73
N GLN A 370 -20.45 7.80 7.38
CA GLN A 370 -19.68 6.93 8.26
C GLN A 370 -18.34 7.55 8.67
N MET A 371 -17.78 8.44 7.85
CA MET A 371 -16.44 8.99 8.15
C MET A 371 -16.50 9.92 9.37
N ILE A 372 -17.72 10.32 9.77
CA ILE A 372 -17.82 11.18 10.96
C ILE A 372 -17.08 10.52 12.14
N LEU A 373 -17.17 9.18 12.25
CA LEU A 373 -16.52 8.51 13.37
C LEU A 373 -14.99 8.66 13.24
N SER A 374 -14.47 9.14 12.11
CA SER A 374 -13.03 9.20 12.03
C SER A 374 -12.56 10.66 12.05
N LEU A 375 -13.49 11.58 12.33
CA LEU A 375 -13.13 13.00 12.38
C LEU A 375 -13.14 13.55 13.80
N SER A 376 -12.00 14.04 14.26
CA SER A 376 -11.91 14.49 15.64
C SER A 376 -11.56 15.97 15.72
N PRO A 377 -12.43 16.79 16.36
CA PRO A 377 -12.20 18.23 16.55
C PRO A 377 -10.91 18.47 17.27
N ASP A 378 -10.47 17.49 18.06
CA ASP A 378 -9.23 17.64 18.83
C ASP A 378 -7.97 17.78 18.03
N VAL A 379 -7.90 17.07 16.92
CA VAL A 379 -6.66 17.06 16.17
C VAL A 379 -6.85 17.78 14.84
N LEU A 380 -8.07 17.78 14.31
CA LEU A 380 -8.32 18.44 13.03
C LEU A 380 -8.84 19.86 13.28
N ASP A 381 -8.10 20.87 12.84
CA ASP A 381 -8.53 22.24 13.07
C ASP A 381 -9.55 22.74 12.06
N ILE A 382 -9.42 22.33 10.81
CA ILE A 382 -10.32 22.75 9.75
C ILE A 382 -10.56 21.56 8.87
N VAL A 383 -11.83 21.23 8.64
CA VAL A 383 -12.16 20.20 7.66
C VAL A 383 -12.95 20.87 6.56
N ILE A 384 -12.52 20.64 5.34
CA ILE A 384 -13.18 21.23 4.20
C ILE A 384 -13.74 20.10 3.36
N PHE A 385 -15.00 20.27 2.96
CA PHE A 385 -15.69 19.23 2.22
C PHE A 385 -16.09 19.68 0.81
N TYR A 386 -15.83 18.85 -0.20
CA TYR A 386 -16.13 19.22 -1.58
C TYR A 386 -16.87 18.12 -2.32
N GLY A 387 -18.10 18.39 -2.73
CA GLY A 387 -18.83 17.42 -3.54
C GLY A 387 -20.31 17.46 -3.29
N GLU A 388 -20.98 16.34 -3.49
CA GLU A 388 -22.41 16.32 -3.35
C GLU A 388 -22.85 15.23 -2.38
N ASP A 389 -22.33 14.02 -2.55
CA ASP A 389 -22.65 12.90 -1.65
C ASP A 389 -22.12 13.14 -0.23
N ILE A 390 -21.05 13.94 -0.15
CA ILE A 390 -20.40 14.27 1.12
C ILE A 390 -21.12 15.40 1.93
N ALA A 391 -22.20 15.93 1.36
CA ALA A 391 -22.92 17.02 2.04
C ALA A 391 -23.37 16.67 3.45
N GLN A 392 -23.97 15.49 3.64
CA GLN A 392 -24.49 15.13 4.95
C GLN A 392 -23.39 14.98 5.98
N LEU A 393 -22.26 14.46 5.53
CA LEU A 393 -21.10 14.37 6.41
C LEU A 393 -20.65 15.78 6.79
N ALA A 394 -20.70 16.73 5.84
CA ALA A 394 -20.27 18.07 6.14
C ALA A 394 -21.18 18.62 7.21
N GLN A 395 -22.47 18.33 7.08
CA GLN A 395 -23.46 18.77 8.07
C GLN A 395 -23.15 18.18 9.45
N LEU A 396 -22.93 16.85 9.52
CA LEU A 396 -22.57 16.17 10.75
C LEU A 396 -21.35 16.82 11.34
N ALA A 397 -20.29 17.01 10.56
CA ALA A 397 -19.10 17.63 11.14
C ALA A 397 -19.31 19.04 11.65
N SER A 398 -20.15 19.79 10.95
CA SER A 398 -20.39 21.19 11.37
C SER A 398 -21.11 21.23 12.71
N GLN A 399 -21.93 20.21 13.01
CA GLN A 399 -22.59 20.07 14.31
C GLN A 399 -21.59 19.61 15.39
N MET A 400 -20.54 18.86 15.00
CA MET A 400 -19.71 18.15 16.01
C MET A 400 -18.42 18.91 16.25
N PHE A 401 -18.08 19.88 15.40
CA PHE A 401 -16.85 20.70 15.48
C PHE A 401 -17.14 22.12 15.95
N PRO A 402 -16.08 22.87 16.34
CA PRO A 402 -16.30 24.22 16.77
C PRO A 402 -16.88 25.07 15.63
N ILE A 403 -17.59 26.13 16.03
CA ILE A 403 -18.13 27.11 15.09
C ILE A 403 -17.02 27.55 14.16
N GLY A 404 -17.21 27.43 12.85
CA GLY A 404 -16.24 28.08 11.92
C GLY A 404 -15.11 27.14 11.50
N HIS A 405 -15.09 25.92 12.03
CA HIS A 405 -13.99 24.95 11.71
C HIS A 405 -14.29 24.05 10.53
N VAL A 406 -15.46 24.22 9.92
CA VAL A 406 -15.82 23.36 8.76
C VAL A 406 -16.23 24.26 7.61
N TYR A 407 -16.01 23.78 6.39
CA TYR A 407 -16.48 24.46 5.19
C TYR A 407 -17.03 23.42 4.24
N TYR A 408 -18.06 23.76 3.49
CA TYR A 408 -18.57 22.86 2.48
C TYR A 408 -18.61 23.59 1.14
N PHE A 409 -18.14 22.93 0.10
CA PHE A 409 -18.28 23.46 -1.25
C PHE A 409 -18.99 22.50 -2.16
N LYS A 410 -19.97 23.01 -2.90
CA LYS A 410 -20.90 22.24 -3.70
C LYS A 410 -20.26 21.79 -5.01
N LYS A 411 -20.50 20.53 -5.37
CA LYS A 411 -20.17 20.06 -6.71
C LYS A 411 -21.29 19.12 -7.16
N THR A 412 -22.10 19.58 -8.10
CA THR A 412 -23.20 18.77 -8.62
C THR A 412 -23.15 18.76 -10.15
N GLU A 413 -24.14 18.14 -10.79
CA GLU A 413 -24.14 18.08 -12.25
C GLU A 413 -24.25 19.48 -12.90
N ASP A 414 -24.58 20.50 -12.10
CA ASP A 414 -24.76 21.88 -12.60
C ASP A 414 -23.87 22.92 -11.88
N GLN A 415 -24.14 23.15 -10.61
CA GLN A 415 -23.34 24.02 -9.76
C GLN A 415 -21.99 23.42 -9.35
N ASP A 416 -20.97 24.27 -9.22
CA ASP A 416 -19.65 23.83 -8.80
C ASP A 416 -18.82 24.98 -8.22
N GLN A 417 -18.58 24.92 -6.91
CA GLN A 417 -17.87 25.98 -6.19
C GLN A 417 -16.38 25.72 -6.08
N PHE A 418 -15.82 25.06 -7.09
CA PHE A 418 -14.40 24.78 -7.10
C PHE A 418 -13.59 26.05 -6.86
N GLU A 419 -13.91 27.11 -7.60
CA GLU A 419 -13.25 28.40 -7.47
CA GLU A 419 -13.25 28.40 -7.46
C GLU A 419 -13.22 28.88 -6.01
N ASP A 420 -14.37 28.83 -5.33
CA ASP A 420 -14.42 29.22 -3.90
C ASP A 420 -13.57 28.28 -3.02
N LEU A 421 -13.65 26.97 -3.27
CA LEU A 421 -12.86 26.00 -2.53
C LEU A 421 -11.37 26.37 -2.57
N VAL A 422 -10.88 26.69 -3.76
CA VAL A 422 -9.47 27.04 -3.92
C VAL A 422 -9.06 28.27 -3.11
N LYS A 423 -9.79 29.36 -3.28
CA LYS A 423 -9.63 30.53 -2.40
C LYS A 423 -9.60 30.11 -0.93
N GLN A 424 -10.58 29.31 -0.51
CA GLN A 424 -10.66 29.03 0.93
C GLN A 424 -9.43 28.27 1.39
N VAL A 425 -9.05 27.23 0.64
CA VAL A 425 -7.85 26.48 0.99
C VAL A 425 -6.63 27.40 1.08
N LYS A 426 -6.46 28.27 0.10
CA LYS A 426 -5.33 29.20 0.11
C LYS A 426 -5.40 30.10 1.34
N GLU A 427 -6.59 30.61 1.66
CA GLU A 427 -6.70 31.52 2.81
C GLU A 427 -6.40 30.75 4.09
N SER A 428 -6.90 29.51 4.21
CA SER A 428 -6.73 28.73 5.44
C SER A 428 -5.32 28.12 5.64
N LEU A 429 -4.61 27.81 4.55
CA LEU A 429 -3.30 27.15 4.60
C LEU A 429 -2.09 28.05 4.94
N GLY A 430 -1.60 27.93 6.18
CA GLY A 430 -0.42 28.68 6.60
C GLY A 430 0.84 28.02 6.09
N ALA A 431 1.99 28.62 6.39
CA ALA A 431 3.29 28.14 5.93
C ALA A 431 3.74 26.91 6.70
N HIS A 432 3.21 26.76 7.92
CA HIS A 432 3.56 25.62 8.78
C HIS A 432 2.44 24.62 8.94
N ASP A 433 1.40 24.72 8.11
CA ASP A 433 0.27 23.80 8.20
C ASP A 433 0.52 22.43 7.51
N GLN A 434 -0.32 21.46 7.88
CA GLN A 434 -0.36 20.13 7.25
C GLN A 434 -1.73 20.06 6.64
N ILE A 435 -1.80 19.68 5.37
CA ILE A 435 -3.09 19.56 4.71
C ILE A 435 -3.25 18.21 4.02
N LEU A 436 -4.29 17.49 4.41
CA LEU A 436 -4.62 16.21 3.80
C LEU A 436 -5.68 16.42 2.73
N LEU A 437 -5.45 15.87 1.54
CA LEU A 437 -6.50 15.85 0.54
C LEU A 437 -6.83 14.40 0.17
N LYS A 438 -8.12 14.07 0.18
CA LYS A 438 -8.55 12.72 -0.19
C LYS A 438 -9.91 12.77 -0.86
N GLY A 439 -9.95 12.19 -2.05
CA GLY A 439 -11.21 11.93 -2.72
C GLY A 439 -10.86 11.00 -3.86
N SER A 440 -11.85 10.73 -4.69
CA SER A 440 -11.62 10.11 -5.95
C SER A 440 -10.68 11.01 -6.75
N ASN A 441 -10.11 10.46 -7.80
CA ASN A 441 -9.23 11.23 -8.65
C ASN A 441 -10.10 12.05 -9.56
N SER A 442 -10.16 13.34 -9.33
CA SER A 442 -10.91 14.18 -10.25
C SER A 442 -9.96 15.16 -10.91
N MET A 443 -10.37 15.73 -12.03
CA MET A 443 -9.68 16.88 -12.58
C MET A 443 -9.56 18.02 -11.54
N ASN A 444 -10.64 18.32 -10.84
CA ASN A 444 -10.59 19.40 -9.83
C ASN A 444 -9.65 19.20 -8.63
N LEU A 445 -9.68 18.03 -8.02
CA LEU A 445 -8.76 17.76 -6.93
C LEU A 445 -7.35 17.90 -7.43
N ALA A 446 -7.16 17.56 -8.71
CA ALA A 446 -5.83 17.61 -9.29
C ALA A 446 -5.47 19.07 -9.50
N LYS A 447 -6.45 19.87 -9.92
CA LYS A 447 -6.21 21.29 -10.15
C LYS A 447 -5.90 21.97 -8.80
N LEU A 448 -6.58 21.52 -7.76
CA LEU A 448 -6.39 22.08 -6.40
C LEU A 448 -4.99 21.77 -5.85
N VAL A 449 -4.63 20.49 -5.77
CA VAL A 449 -3.31 20.05 -5.32
C VAL A 449 -2.20 20.80 -6.04
N GLU A 450 -2.51 21.27 -7.24
CA GLU A 450 -1.53 21.91 -8.07
C GLU A 450 -1.43 23.40 -7.76
N SER A 451 -2.56 24.04 -7.46
CA SER A 451 -2.54 25.45 -7.07
C SER A 451 -1.74 25.66 -5.77
N LEU A 452 -1.66 24.62 -4.94
CA LEU A 452 -0.84 24.66 -3.72
C LEU A 452 0.65 24.51 -4.02
N GLU A 453 1.01 23.45 -4.76
CA GLU A 453 2.39 23.17 -5.18
C GLU A 453 2.97 24.32 -6.00
N ASN A 454 2.10 25.15 -6.58
CA ASN A 454 2.53 26.27 -7.42
C ASN A 454 2.18 27.66 -6.89
#